data_8PYY
#
_entry.id   8PYY
#
_cell.length_a   161.530
_cell.length_b   161.530
_cell.length_c   162.380
_cell.angle_alpha   90.00
_cell.angle_beta   90.00
_cell.angle_gamma   120.00
#
_symmetry.space_group_name_H-M   'P 63 2 2'
#
loop_
_entity.id
_entity.type
_entity.pdbx_description
1 polymer 'Fatty-acyl-CoA synthase'
2 non-polymer 'SULFATE ION'
3 water water
#
_entity_poly.entity_id   1
_entity_poly.type   'polypeptide(L)'
_entity_poly.pdbx_seq_one_letter_code
;MGYLHRVVEGLKANAGGEALVSADRRLTGAETLEEIHRTARALAAQGLRPGDGVVTLHGNGVEAVVLRIAVQLLGCRYAG
LRPVFATREKANFLAEAEAAAFVYQPDMADEAAELLREVPTPRVLSLGPAPLGEDLVALAGAQSAEPVEFTADERAATAV
GFTGGTTGRAKGVCRAPFDLEACLDASLTIFGEGPWRFLVCIPIADLGGEMAEWTLAAGGTVVLREDFEPADILATIGAE
RTTHVFCAPGWVYQLAEHPALADADLSSLTQIPYGGAPSTPARIADALEKLGRPLLVHCYGSQEGGWMTWLSAEDHVRAD
RYLLNSVGKALPGTEIAIRDQDGADLPVGTVGEVCVRSTMLMRGYWRLPELTAKTVRDGWLHTGDLGRLDTEGYLYLVDR
AKDVIIVEAYNVYSQEVEHVLTGHPDVRYAAVVGVPDHDTTEAVYAAVVPAEGVGEIDVDELRALVRTTLGPVHEPKHLD
VVDTIPTTPRGKPDKSALRTRWRAAQRA
;
_entity_poly.pdbx_strand_id   A
#
loop_
_chem_comp.id
_chem_comp.type
_chem_comp.name
_chem_comp.formula
SO4 non-polymer 'SULFATE ION' 'O4 S -2'
#
# COMPACT_ATOMS: atom_id res chain seq x y z
N MET A 1 12.04 25.73 -7.16
CA MET A 1 10.88 24.82 -6.96
C MET A 1 11.38 23.42 -6.56
N GLY A 2 10.47 22.46 -6.46
CA GLY A 2 10.86 21.12 -6.00
C GLY A 2 9.81 20.54 -5.06
N TYR A 3 10.15 19.47 -4.34
CA TYR A 3 9.11 18.83 -3.55
C TYR A 3 8.76 19.71 -2.35
N LEU A 4 9.80 20.19 -1.64
CA LEU A 4 9.56 20.95 -0.43
C LEU A 4 9.13 22.37 -0.75
N HIS A 5 9.60 22.90 -1.88
CA HIS A 5 9.02 24.14 -2.35
C HIS A 5 7.50 23.97 -2.36
N ARG A 6 7.06 22.82 -2.89
CA ARG A 6 5.64 22.66 -3.17
C ARG A 6 4.85 22.57 -1.86
N VAL A 7 5.44 21.92 -0.86
CA VAL A 7 4.79 21.74 0.42
C VAL A 7 4.61 23.11 1.09
N VAL A 8 5.70 23.87 1.10
CA VAL A 8 5.74 25.19 1.72
C VAL A 8 4.76 26.12 1.01
N GLU A 9 4.70 26.05 -0.33
CA GLU A 9 3.83 26.93 -1.08
C GLU A 9 2.37 26.72 -0.66
N GLY A 10 1.99 25.44 -0.48
CA GLY A 10 0.65 25.09 -0.07
C GLY A 10 0.34 25.54 1.35
N LEU A 11 1.36 25.56 2.21
CA LEU A 11 1.15 26.01 3.57
C LEU A 11 0.92 27.52 3.58
N LYS A 12 1.75 28.26 2.81
CA LYS A 12 1.62 29.71 2.70
C LYS A 12 0.25 30.10 2.18
N ALA A 13 -0.15 29.40 1.11
CA ALA A 13 -1.47 29.43 0.49
C ALA A 13 -2.61 29.27 1.50
N ASN A 14 -2.34 28.54 2.60
CA ASN A 14 -3.39 28.08 3.49
C ASN A 14 -3.15 28.64 4.88
N ALA A 15 -2.49 29.82 4.95
CA ALA A 15 -1.90 30.31 6.20
C ALA A 15 -2.99 30.63 7.24
N GLY A 16 -4.12 31.14 6.76
CA GLY A 16 -5.23 31.50 7.64
C GLY A 16 -6.04 30.31 8.12
N GLY A 17 -6.14 29.25 7.30
CA GLY A 17 -6.99 28.10 7.58
C GLY A 17 -6.24 26.96 8.26
N GLU A 18 -6.99 25.90 8.62
CA GLU A 18 -6.48 24.72 9.33
C GLU A 18 -5.55 23.93 8.40
N ALA A 19 -4.46 23.39 8.97
CA ALA A 19 -3.48 22.65 8.19
C ALA A 19 -3.26 21.28 8.82
N LEU A 20 -3.06 21.23 10.14
CA LEU A 20 -2.86 19.97 10.85
C LEU A 20 -3.83 19.88 12.00
N VAL A 21 -4.62 18.82 12.04
CA VAL A 21 -5.63 18.67 13.06
C VAL A 21 -5.58 17.26 13.63
N SER A 22 -5.61 17.22 14.96
CA SER A 22 -5.79 15.99 15.68
C SER A 22 -6.74 16.26 16.83
N ALA A 23 -7.13 15.16 17.48
CA ALA A 23 -7.91 15.19 18.70
C ALA A 23 -7.31 16.16 19.75
N ASP A 24 -5.99 16.43 19.69
CA ASP A 24 -5.24 17.00 20.81
C ASP A 24 -4.69 18.40 20.52
N ARG A 25 -4.45 18.69 19.24
CA ARG A 25 -3.84 19.99 18.85
C ARG A 25 -4.36 20.41 17.48
N ARG A 26 -4.35 21.71 17.20
CA ARG A 26 -4.77 22.22 15.90
C ARG A 26 -3.88 23.37 15.47
N LEU A 27 -3.40 23.34 14.24
CA LEU A 27 -2.46 24.32 13.73
C LEU A 27 -2.94 24.83 12.38
N THR A 28 -2.58 26.08 12.08
CA THR A 28 -2.85 26.66 10.79
C THR A 28 -1.60 26.49 9.94
N GLY A 29 -1.72 26.85 8.67
CA GLY A 29 -0.58 26.79 7.77
C GLY A 29 0.55 27.71 8.23
N ALA A 30 0.20 28.86 8.77
CA ALA A 30 1.19 29.77 9.32
C ALA A 30 1.87 29.12 10.52
N GLU A 31 1.05 28.63 11.48
CA GLU A 31 1.55 28.04 12.72
C GLU A 31 2.36 26.78 12.41
N THR A 32 1.94 26.03 11.38
CA THR A 32 2.61 24.79 10.99
C THR A 32 3.97 25.07 10.36
N LEU A 33 4.01 26.09 9.50
CA LEU A 33 5.21 26.44 8.78
C LEU A 33 6.27 26.93 9.76
N GLU A 34 5.83 27.68 10.79
CA GLU A 34 6.75 28.18 11.79
C GLU A 34 7.42 27.01 12.50
N GLU A 35 6.61 26.10 13.03
CA GLU A 35 7.18 24.95 13.77
C GLU A 35 8.15 24.19 12.86
N ILE A 36 7.80 24.02 11.59
CA ILE A 36 8.69 23.29 10.71
C ILE A 36 10.05 23.99 10.65
N HIS A 37 10.02 25.32 10.45
CA HIS A 37 11.24 26.10 10.38
C HIS A 37 12.03 25.98 11.68
N ARG A 38 11.34 26.17 12.80
CA ARG A 38 11.98 26.06 14.11
C ARG A 38 12.59 24.68 14.30
N THR A 39 11.83 23.63 13.99
CA THR A 39 12.34 22.26 14.20
C THR A 39 13.56 22.05 13.32
N ALA A 40 13.52 22.55 12.09
CA ALA A 40 14.63 22.30 11.17
C ALA A 40 15.90 22.94 11.71
N ARG A 41 15.77 24.21 12.15
CA ARG A 41 16.84 24.93 12.82
C ARG A 41 17.42 24.12 13.98
N ALA A 42 16.54 23.67 14.88
CA ALA A 42 16.92 22.89 16.06
C ALA A 42 17.67 21.62 15.67
N LEU A 43 17.17 20.91 14.64
CA LEU A 43 17.84 19.71 14.20
C LEU A 43 19.22 20.05 13.67
N ALA A 44 19.32 21.19 12.97
CA ALA A 44 20.57 21.67 12.38
C ALA A 44 21.60 21.97 13.47
N ALA A 45 21.17 22.70 14.51
CA ALA A 45 21.92 22.93 15.74
C ALA A 45 22.54 21.65 16.31
N GLN A 46 21.76 20.55 16.36
CA GLN A 46 22.24 19.33 16.97
C GLN A 46 23.38 18.73 16.16
N GLY A 47 23.58 19.19 14.92
CA GLY A 47 24.76 18.85 14.16
C GLY A 47 24.46 18.07 12.88
N LEU A 48 23.25 18.21 12.33
CA LEU A 48 22.74 17.29 11.33
C LEU A 48 22.94 17.93 9.96
N ARG A 49 23.65 17.22 9.07
CA ARG A 49 23.92 17.65 7.70
C ARG A 49 23.07 16.84 6.73
N PRO A 50 22.90 17.33 5.48
CA PRO A 50 22.40 16.50 4.37
C PRO A 50 23.02 15.12 4.29
N GLY A 51 22.16 14.11 4.10
CA GLY A 51 22.60 12.73 3.98
C GLY A 51 22.58 11.99 5.32
N ASP A 52 22.54 12.74 6.42
CA ASP A 52 22.52 12.15 7.75
C ASP A 52 21.15 11.54 8.03
N GLY A 53 21.17 10.31 8.56
CA GLY A 53 19.97 9.51 8.73
C GLY A 53 19.32 9.76 10.10
N VAL A 54 18.00 10.00 10.10
CA VAL A 54 17.28 10.35 11.31
C VAL A 54 16.17 9.33 11.50
N VAL A 55 16.33 8.45 12.46
CA VAL A 55 15.34 7.42 12.69
C VAL A 55 14.31 7.95 13.68
N THR A 56 13.04 7.60 13.47
CA THR A 56 11.98 8.06 14.35
C THR A 56 11.12 6.90 14.85
N LEU A 57 10.58 7.11 16.04
CA LEU A 57 9.64 6.18 16.65
C LEU A 57 8.52 6.99 17.26
N HIS A 58 7.45 7.18 16.48
CA HIS A 58 6.34 7.99 16.95
C HIS A 58 4.99 7.50 16.42
N GLY A 59 3.94 8.23 16.79
CA GLY A 59 2.61 7.95 16.32
C GLY A 59 2.22 8.92 15.23
N ASN A 60 0.93 9.25 15.21
CA ASN A 60 0.33 10.11 14.22
C ASN A 60 -0.07 11.43 14.86
N GLY A 61 0.87 12.04 15.56
CA GLY A 61 0.57 13.37 16.12
C GLY A 61 0.97 14.48 15.16
N VAL A 62 0.69 15.71 15.52
CA VAL A 62 1.03 16.88 14.68
C VAL A 62 2.55 17.04 14.67
N GLU A 63 3.20 16.89 15.82
CA GLU A 63 4.67 17.12 15.91
C GLU A 63 5.39 16.11 15.04
N ALA A 64 4.77 14.96 14.78
CA ALA A 64 5.40 13.90 13.98
C ALA A 64 5.44 14.35 12.52
N VAL A 65 4.38 15.01 12.07
CA VAL A 65 4.34 15.52 10.68
C VAL A 65 5.35 16.67 10.59
N VAL A 66 5.31 17.60 11.52
CA VAL A 66 6.29 18.72 11.55
C VAL A 66 7.69 18.13 11.46
N LEU A 67 7.98 17.12 12.26
CA LEU A 67 9.35 16.54 12.26
C LEU A 67 9.60 15.91 10.91
N ARG A 68 8.67 15.09 10.41
CA ARG A 68 8.97 14.40 9.13
C ARG A 68 9.36 15.43 8.07
N ILE A 69 8.63 16.55 8.02
CA ILE A 69 8.87 17.54 6.99
C ILE A 69 10.21 18.26 7.25
N ALA A 70 10.42 18.71 8.51
CA ALA A 70 11.63 19.42 8.91
C ALA A 70 12.89 18.64 8.54
N VAL A 71 12.86 17.34 8.79
CA VAL A 71 14.03 16.52 8.56
C VAL A 71 14.36 16.54 7.07
N GLN A 72 13.29 16.66 6.27
CA GLN A 72 13.41 16.57 4.83
C GLN A 72 13.81 17.94 4.27
N LEU A 73 13.42 19.01 4.94
CA LEU A 73 13.82 20.36 4.56
C LEU A 73 15.35 20.53 4.59
N LEU A 74 16.00 20.02 5.65
CA LEU A 74 17.45 20.06 5.78
C LEU A 74 18.11 19.12 4.78
N GLY A 75 17.30 18.24 4.19
CA GLY A 75 17.83 17.22 3.30
C GLY A 75 18.50 16.10 4.08
N CYS A 76 18.04 15.89 5.31
CA CYS A 76 18.40 14.67 6.00
C CYS A 76 17.50 13.54 5.49
N ARG A 77 17.82 12.32 5.92
CA ARG A 77 17.08 11.13 5.57
C ARG A 77 16.13 10.74 6.71
N TYR A 78 14.83 10.94 6.51
CA TYR A 78 13.85 10.54 7.51
C TYR A 78 13.60 9.05 7.37
N ALA A 79 13.69 8.33 8.49
CA ALA A 79 13.51 6.89 8.50
C ALA A 79 12.51 6.50 9.59
N GLY A 80 11.24 6.46 9.24
CA GLY A 80 10.20 6.18 10.22
C GLY A 80 10.03 4.69 10.50
N LEU A 81 10.19 4.31 11.76
CA LEU A 81 9.75 3.01 12.26
C LEU A 81 8.27 3.13 12.58
N ARG A 82 7.47 2.25 11.97
CA ARG A 82 6.03 2.20 12.34
C ARG A 82 5.95 1.49 13.69
N PRO A 83 5.16 2.01 14.64
CA PRO A 83 5.08 1.43 15.98
C PRO A 83 4.57 -0.03 15.97
N VAL A 84 3.82 -0.44 14.95
CA VAL A 84 3.30 -1.80 14.88
C VAL A 84 4.40 -2.85 14.67
N PHE A 85 5.59 -2.49 14.16
CA PHE A 85 6.65 -3.46 13.98
C PHE A 85 7.10 -4.02 15.32
N ALA A 86 7.60 -5.25 15.27
CA ALA A 86 8.19 -5.90 16.43
C ALA A 86 9.49 -5.20 16.73
N THR A 87 9.85 -5.18 18.02
CA THR A 87 11.07 -4.56 18.48
C THR A 87 12.30 -5.20 17.80
N ARG A 88 12.27 -6.51 17.52
CA ARG A 88 13.37 -7.19 16.86
C ARG A 88 13.57 -6.53 15.49
N GLU A 89 12.45 -6.27 14.78
CA GLU A 89 12.54 -5.76 13.42
C GLU A 89 13.00 -4.30 13.44
N LYS A 90 12.61 -3.55 14.47
CA LYS A 90 12.99 -2.17 14.60
C LYS A 90 14.47 -2.01 14.89
N ALA A 91 14.97 -2.85 15.77
CA ALA A 91 16.39 -2.87 16.04
C ALA A 91 17.19 -3.16 14.77
N ASN A 92 16.77 -4.12 13.94
CA ASN A 92 17.43 -4.33 12.64
C ASN A 92 17.41 -3.04 11.83
N PHE A 93 16.21 -2.48 11.64
CA PHE A 93 16.10 -1.28 10.84
C PHE A 93 17.03 -0.20 11.36
N LEU A 94 17.05 0.01 12.67
CA LEU A 94 17.89 1.04 13.26
C LEU A 94 19.38 0.74 13.04
N ALA A 95 19.79 -0.52 13.25
CA ALA A 95 21.18 -0.93 13.09
C ALA A 95 21.70 -0.64 11.68
N GLU A 96 20.90 -0.98 10.67
CA GLU A 96 21.28 -0.87 9.27
C GLU A 96 21.15 0.57 8.79
N ALA A 97 20.44 1.41 9.55
CA ALA A 97 20.08 2.75 9.10
C ALA A 97 21.24 3.75 9.23
N GLU A 98 22.37 3.39 9.90
CA GLU A 98 23.49 4.32 10.04
C GLU A 98 22.99 5.67 10.55
N ALA A 99 22.27 5.63 11.67
CA ALA A 99 21.55 6.79 12.16
C ALA A 99 22.51 7.78 12.81
N ALA A 100 22.26 9.08 12.63
CA ALA A 100 22.97 10.13 13.33
C ALA A 100 22.09 10.70 14.45
N ALA A 101 20.78 10.60 14.28
CA ALA A 101 19.88 10.98 15.33
C ALA A 101 18.83 9.90 15.49
N PHE A 102 18.17 9.89 16.66
CA PHE A 102 17.05 9.02 16.96
C PHE A 102 16.01 9.88 17.67
N VAL A 103 14.77 9.95 17.17
CA VAL A 103 13.76 10.82 17.74
C VAL A 103 12.52 10.02 18.10
N TYR A 104 12.06 10.13 19.36
CA TYR A 104 11.02 9.25 19.86
C TYR A 104 9.97 10.05 20.63
N GLN A 105 8.72 9.62 20.49
CA GLN A 105 7.59 10.17 21.21
C GLN A 105 7.71 9.80 22.68
N PRO A 106 7.52 10.73 23.63
CA PRO A 106 7.76 10.46 25.05
C PRO A 106 7.18 9.18 25.64
N ASP A 107 5.95 8.82 25.28
CA ASP A 107 5.33 7.69 25.94
C ASP A 107 5.78 6.37 25.31
N MET A 108 6.75 6.39 24.38
CA MET A 108 7.35 5.19 23.82
C MET A 108 8.78 5.01 24.35
N ALA A 109 9.15 5.71 25.42
CA ALA A 109 10.49 5.65 26.00
C ALA A 109 10.87 4.22 26.41
N ASP A 110 9.88 3.41 26.78
CA ASP A 110 10.13 2.02 27.14
C ASP A 110 10.89 1.36 25.99
N GLU A 111 10.33 1.50 24.78
CA GLU A 111 10.85 0.86 23.59
C GLU A 111 12.11 1.57 23.08
N ALA A 112 12.15 2.90 23.08
CA ALA A 112 13.37 3.62 22.78
C ALA A 112 14.56 3.03 23.54
N ALA A 113 14.37 2.66 24.81
CA ALA A 113 15.45 2.06 25.58
C ALA A 113 15.90 0.72 24.99
N GLU A 114 14.96 -0.17 24.73
CA GLU A 114 15.28 -1.47 24.18
C GLU A 114 16.19 -1.32 22.97
N LEU A 115 15.83 -0.36 22.09
CA LEU A 115 16.51 -0.14 20.83
C LEU A 115 17.87 0.51 21.08
N LEU A 116 17.90 1.60 21.84
CA LEU A 116 19.13 2.35 22.04
C LEU A 116 20.11 1.51 22.85
N ARG A 117 19.57 0.57 23.61
CA ARG A 117 20.37 -0.42 24.32
C ARG A 117 21.14 -1.25 23.32
N GLU A 118 20.43 -1.75 22.30
CA GLU A 118 21.01 -2.67 21.36
C GLU A 118 21.81 -1.94 20.27
N VAL A 119 21.41 -0.72 19.90
CA VAL A 119 22.01 0.05 18.83
C VAL A 119 22.22 1.47 19.33
N PRO A 120 23.29 1.68 20.11
CA PRO A 120 23.61 3.00 20.64
C PRO A 120 23.75 4.02 19.51
N THR A 121 23.04 5.14 19.65
CA THR A 121 22.89 6.13 18.60
C THR A 121 23.14 7.51 19.22
N PRO A 122 23.90 8.43 18.57
CA PRO A 122 24.00 9.81 19.05
C PRO A 122 22.73 10.63 18.82
N ARG A 123 22.76 11.86 19.31
CA ARG A 123 21.66 12.80 19.15
C ARG A 123 20.31 12.10 19.33
N VAL A 124 20.01 11.68 20.56
CA VAL A 124 18.71 11.17 20.93
C VAL A 124 17.84 12.35 21.33
N LEU A 125 16.66 12.48 20.71
CA LEU A 125 15.72 13.53 21.06
C LEU A 125 14.30 12.97 21.24
N SER A 126 13.49 13.73 21.96
CA SER A 126 12.15 13.33 22.40
C SER A 126 11.16 14.40 21.95
N LEU A 127 9.97 14.00 21.50
CA LEU A 127 8.92 14.97 21.10
C LEU A 127 8.19 15.41 22.36
N GLY A 128 8.80 16.28 23.16
CA GLY A 128 8.32 16.61 24.49
C GLY A 128 9.14 15.91 25.56
N PRO A 129 8.88 16.18 26.86
CA PRO A 129 9.84 15.85 27.91
C PRO A 129 9.68 14.37 28.23
N ALA A 130 10.82 13.73 28.50
CA ALA A 130 10.98 12.29 28.49
C ALA A 130 12.34 11.92 29.07
N PRO A 131 12.55 10.68 29.55
CA PRO A 131 13.79 10.33 30.24
C PRO A 131 15.08 10.42 29.42
N LEU A 132 15.08 9.96 28.16
CA LEU A 132 16.30 9.87 27.36
C LEU A 132 16.51 11.12 26.51
N GLY A 133 17.80 11.44 26.33
CA GLY A 133 18.24 12.53 25.45
C GLY A 133 17.68 13.90 25.85
N GLU A 134 17.47 14.75 24.85
CA GLU A 134 16.94 16.07 25.08
C GLU A 134 15.56 16.18 24.45
N ASP A 135 14.87 17.27 24.78
CA ASP A 135 13.51 17.56 24.33
C ASP A 135 13.56 18.42 23.06
N LEU A 136 13.20 17.82 21.92
CA LEU A 136 13.28 18.51 20.65
C LEU A 136 12.25 19.62 20.58
N VAL A 137 11.07 19.41 21.15
CA VAL A 137 9.98 20.43 21.08
C VAL A 137 10.43 21.66 21.87
N ALA A 138 11.17 21.46 22.96
CA ALA A 138 11.69 22.56 23.77
C ALA A 138 12.78 23.30 23.01
N LEU A 139 13.73 22.56 22.42
CA LEU A 139 14.78 23.11 21.57
C LEU A 139 14.21 23.99 20.44
N ALA A 140 13.13 23.51 19.82
CA ALA A 140 12.50 24.20 18.72
C ALA A 140 11.83 25.47 19.23
N GLY A 141 11.22 25.40 20.41
CA GLY A 141 10.51 26.53 20.96
C GLY A 141 11.44 27.73 21.13
N ALA A 142 12.71 27.44 21.41
CA ALA A 142 13.70 28.44 21.78
C ALA A 142 14.43 28.97 20.55
N GLN A 143 13.75 29.02 19.40
CA GLN A 143 14.52 28.99 18.17
C GLN A 143 13.86 29.93 17.16
N SER A 144 14.71 30.48 16.28
CA SER A 144 14.26 31.41 15.26
C SER A 144 13.24 30.72 14.34
N ALA A 145 12.15 31.39 13.98
CA ALA A 145 11.22 30.85 12.98
C ALA A 145 11.48 31.41 11.58
N GLU A 146 12.64 32.05 11.37
CA GLU A 146 13.09 32.44 10.04
C GLU A 146 12.98 31.25 9.09
N PRO A 147 12.42 31.43 7.88
CA PRO A 147 12.43 30.37 6.86
C PRO A 147 13.77 29.67 6.65
N VAL A 148 13.70 28.37 6.31
CA VAL A 148 14.86 27.55 5.97
C VAL A 148 14.67 27.08 4.53
N GLU A 149 15.56 27.54 3.64
CA GLU A 149 15.44 27.22 2.22
C GLU A 149 15.92 25.77 2.10
N PHE A 150 15.29 25.00 1.19
CA PHE A 150 15.75 23.68 0.84
C PHE A 150 16.95 23.81 -0.09
N THR A 151 18.09 23.22 0.24
CA THR A 151 19.25 23.42 -0.62
C THR A 151 19.99 22.10 -0.83
N ALA A 152 19.31 20.97 -0.85
CA ALA A 152 20.03 19.73 -1.13
C ALA A 152 19.69 19.23 -2.53
N ASP A 153 20.33 18.12 -2.90
CA ASP A 153 20.09 17.42 -4.15
C ASP A 153 18.63 16.95 -4.19
N GLU A 154 17.83 17.47 -5.13
CA GLU A 154 16.45 17.04 -5.28
C GLU A 154 16.36 15.55 -5.60
N ARG A 155 17.47 14.94 -6.02
CA ARG A 155 17.45 13.50 -6.43
C ARG A 155 18.08 12.63 -5.33
N ALA A 156 18.43 13.22 -4.19
CA ALA A 156 18.98 12.49 -3.07
C ALA A 156 17.85 12.05 -2.14
N ALA A 157 17.88 10.78 -1.74
CA ALA A 157 16.89 10.19 -0.85
C ALA A 157 16.74 11.05 0.43
N THR A 158 15.48 11.35 0.79
CA THR A 158 15.19 12.00 2.06
C THR A 158 14.20 11.20 2.91
N ALA A 159 13.79 10.02 2.46
CA ALA A 159 12.82 9.24 3.21
C ALA A 159 13.09 7.78 2.95
N VAL A 160 13.03 6.98 4.00
CA VAL A 160 13.05 5.53 3.87
C VAL A 160 11.76 5.01 4.49
N GLY A 161 11.07 4.16 3.73
CA GLY A 161 9.85 3.53 4.19
C GLY A 161 10.12 2.03 4.31
N PHE A 162 9.79 1.45 5.46
CA PHE A 162 10.08 0.05 5.70
C PHE A 162 8.93 -0.88 5.26
N THR A 163 9.29 -2.12 4.90
CA THR A 163 8.47 -3.05 4.12
C THR A 163 8.47 -4.42 4.84
N ALA A 170 11.18 -6.58 5.32
CA ALA A 170 12.58 -7.00 5.49
C ALA A 170 13.56 -5.92 4.99
N LYS A 171 13.07 -4.81 4.40
CA LYS A 171 13.93 -3.89 3.65
C LYS A 171 13.26 -2.54 3.39
N GLY A 172 14.11 -1.52 3.20
CA GLY A 172 13.67 -0.14 3.22
C GLY A 172 13.78 0.56 1.87
N VAL A 173 12.76 1.34 1.54
CA VAL A 173 12.62 1.91 0.22
C VAL A 173 12.93 3.39 0.29
N CYS A 174 14.00 3.80 -0.40
CA CYS A 174 14.44 5.18 -0.38
C CYS A 174 13.63 5.97 -1.40
N ARG A 175 13.18 7.16 -1.03
CA ARG A 175 12.54 8.06 -1.97
C ARG A 175 13.19 9.44 -1.91
N ALA A 176 13.38 10.06 -3.08
CA ALA A 176 13.95 11.40 -3.16
C ALA A 176 12.86 12.39 -3.54
N PRO A 177 13.03 13.69 -3.18
CA PRO A 177 12.06 14.73 -3.54
C PRO A 177 11.61 14.71 -5.00
N PHE A 178 12.52 14.31 -5.91
CA PHE A 178 12.19 14.30 -7.32
C PHE A 178 10.98 13.41 -7.54
N ASP A 179 11.07 12.16 -7.07
CA ASP A 179 10.01 11.19 -7.25
C ASP A 179 8.87 11.43 -6.26
N LEU A 180 9.14 12.11 -5.15
CA LEU A 180 8.04 12.47 -4.28
C LEU A 180 7.12 13.49 -4.94
N GLU A 181 7.66 14.42 -5.74
CA GLU A 181 6.80 15.41 -6.39
C GLU A 181 5.97 14.74 -7.48
N ALA A 182 6.59 13.77 -8.16
CA ALA A 182 5.92 12.98 -9.19
C ALA A 182 4.66 12.33 -8.62
N CYS A 183 4.81 11.77 -7.40
CA CYS A 183 3.75 11.15 -6.64
C CYS A 183 2.68 12.17 -6.26
N LEU A 184 3.09 13.38 -5.88
CA LEU A 184 2.14 14.42 -5.49
C LEU A 184 1.26 14.80 -6.68
N ASP A 185 1.87 14.75 -7.87
CA ASP A 185 1.19 15.14 -9.08
C ASP A 185 0.05 14.17 -9.36
N ALA A 186 0.40 12.88 -9.29
CA ALA A 186 -0.57 11.81 -9.43
C ALA A 186 -1.67 11.96 -8.38
N SER A 187 -1.31 12.31 -7.15
CA SER A 187 -2.30 12.42 -6.09
C SER A 187 -3.39 13.40 -6.49
N LEU A 188 -3.03 14.46 -7.18
CA LEU A 188 -4.03 15.47 -7.60
C LEU A 188 -4.87 14.88 -8.73
N THR A 189 -4.27 14.07 -9.59
CA THR A 189 -5.03 13.36 -10.60
C THR A 189 -6.13 12.52 -9.92
N ILE A 190 -5.72 11.57 -9.08
CA ILE A 190 -6.60 10.61 -8.44
C ILE A 190 -7.58 11.32 -7.52
N PHE A 191 -7.05 12.04 -6.52
CA PHE A 191 -7.91 12.58 -5.44
C PHE A 191 -8.61 13.86 -5.84
N GLY A 192 -8.21 14.42 -6.96
CA GLY A 192 -8.79 15.70 -7.35
C GLY A 192 -7.87 16.82 -6.95
N GLU A 193 -8.29 18.06 -7.15
CA GLU A 193 -7.36 19.16 -6.87
C GLU A 193 -7.92 19.98 -5.72
N GLY A 194 -7.30 21.13 -5.47
CA GLY A 194 -7.88 22.06 -4.48
C GLY A 194 -7.67 21.59 -3.07
N PRO A 195 -8.09 22.41 -2.09
CA PRO A 195 -7.93 22.03 -0.71
C PRO A 195 -8.65 20.71 -0.42
N TRP A 196 -7.96 19.78 0.26
CA TRP A 196 -8.61 18.53 0.68
C TRP A 196 -8.58 18.46 2.19
N ARG A 197 -9.71 18.17 2.83
CA ARG A 197 -9.65 17.85 4.25
C ARG A 197 -9.51 16.34 4.36
N PHE A 198 -8.28 15.88 4.62
CA PHE A 198 -7.90 14.52 4.31
C PHE A 198 -7.66 13.75 5.59
N LEU A 199 -8.48 12.73 5.84
CA LEU A 199 -8.38 11.91 7.04
C LEU A 199 -7.29 10.86 6.81
N VAL A 200 -6.19 11.05 7.55
CA VAL A 200 -5.06 10.14 7.50
C VAL A 200 -5.07 9.34 8.79
N CYS A 201 -5.28 8.02 8.70
CA CYS A 201 -5.14 7.15 9.86
C CYS A 201 -4.19 6.00 9.56
N ILE A 202 -3.19 6.32 8.73
CA ILE A 202 -2.13 5.45 8.28
C ILE A 202 -0.87 5.99 8.96
N PRO A 203 0.13 5.16 9.35
CA PRO A 203 1.28 5.67 10.09
C PRO A 203 1.98 6.81 9.34
N ILE A 204 2.18 7.92 10.06
CA ILE A 204 2.99 9.01 9.58
C ILE A 204 4.40 8.54 9.29
N ALA A 205 4.82 7.44 9.93
CA ALA A 205 6.14 6.91 9.65
C ALA A 205 6.32 6.55 8.17
N ASP A 206 5.25 6.26 7.40
CA ASP A 206 5.39 6.05 5.95
C ASP A 206 4.18 6.59 5.17
N LEU A 207 3.26 5.74 4.67
CA LEU A 207 2.32 6.18 3.63
C LEU A 207 1.52 7.38 4.16
N GLY A 208 1.17 7.33 5.45
CA GLY A 208 0.44 8.43 6.06
C GLY A 208 1.20 9.74 5.93
N GLY A 209 2.52 9.69 6.15
CA GLY A 209 3.38 10.85 6.04
C GLY A 209 3.36 11.47 4.65
N GLU A 210 3.60 10.66 3.63
CA GLU A 210 3.51 11.07 2.23
C GLU A 210 2.16 11.74 2.01
N MET A 211 1.07 11.11 2.46
CA MET A 211 -0.25 11.65 2.17
C MET A 211 -0.49 12.96 2.90
N ALA A 212 0.19 13.17 4.04
CA ALA A 212 0.06 14.41 4.77
C ALA A 212 0.84 15.51 4.05
N GLU A 213 2.11 15.24 3.68
CA GLU A 213 2.92 16.14 2.86
C GLU A 213 2.07 16.62 1.67
N TRP A 214 1.47 15.67 0.93
CA TRP A 214 0.70 16.04 -0.26
C TRP A 214 -0.54 16.87 0.08
N THR A 215 -1.22 16.50 1.16
CA THR A 215 -2.45 17.17 1.53
C THR A 215 -2.17 18.65 1.71
N LEU A 216 -1.04 18.93 2.38
CA LEU A 216 -0.58 20.27 2.75
C LEU A 216 -0.12 21.06 1.53
N ALA A 217 0.69 20.41 0.68
CA ALA A 217 1.18 21.00 -0.56
C ALA A 217 0.05 21.53 -1.44
N ALA A 218 -1.10 20.89 -1.37
CA ALA A 218 -2.25 21.25 -2.24
C ALA A 218 -3.11 22.30 -1.56
N GLY A 219 -2.68 22.77 -0.39
CA GLY A 219 -3.40 23.82 0.31
C GLY A 219 -4.48 23.26 1.22
N GLY A 220 -4.25 22.01 1.65
CA GLY A 220 -5.27 21.28 2.38
C GLY A 220 -4.96 21.22 3.86
N THR A 221 -5.95 20.65 4.56
CA THR A 221 -5.92 20.27 5.95
C THR A 221 -5.78 18.76 6.13
N VAL A 222 -4.89 18.35 7.02
CA VAL A 222 -4.76 16.96 7.41
C VAL A 222 -5.50 16.75 8.72
N VAL A 223 -6.37 15.75 8.74
CA VAL A 223 -7.01 15.30 9.94
C VAL A 223 -6.42 13.96 10.33
N LEU A 224 -5.76 13.92 11.50
CA LEU A 224 -4.91 12.82 11.94
C LEU A 224 -5.68 11.98 12.94
N ARG A 225 -5.69 10.67 12.76
CA ARG A 225 -6.14 9.74 13.79
C ARG A 225 -5.09 8.65 13.93
N GLU A 226 -5.10 7.92 15.04
CA GLU A 226 -3.97 7.05 15.34
C GLU A 226 -4.06 5.75 14.56
N ASP A 227 -5.29 5.27 14.32
CA ASP A 227 -5.55 4.12 13.46
C ASP A 227 -7.03 4.07 13.07
N PHE A 228 -7.40 3.09 12.25
CA PHE A 228 -8.73 3.01 11.70
C PHE A 228 -9.63 2.25 12.65
N GLU A 229 -10.70 2.89 13.13
CA GLU A 229 -11.81 2.20 13.78
C GLU A 229 -13.11 2.77 13.23
N PRO A 230 -14.12 1.94 12.91
CA PRO A 230 -15.21 2.37 12.04
C PRO A 230 -16.13 3.40 12.71
N ALA A 231 -16.25 3.34 14.05
CA ALA A 231 -17.15 4.21 14.78
C ALA A 231 -16.58 5.64 14.94
N ASP A 232 -15.32 5.74 15.41
CA ASP A 232 -14.42 6.85 15.13
C ASP A 232 -14.38 6.91 13.61
N ILE A 233 -13.96 7.99 12.98
CA ILE A 233 -13.93 7.96 11.51
C ILE A 233 -15.32 8.31 10.97
N LEU A 234 -16.34 7.45 11.21
CA LEU A 234 -17.69 7.88 10.90
C LEU A 234 -18.02 9.14 11.70
N ALA A 235 -17.63 9.17 12.98
CA ALA A 235 -17.76 10.37 13.79
C ALA A 235 -16.84 11.45 13.25
N THR A 236 -15.56 11.11 13.10
CA THR A 236 -14.54 12.06 12.67
C THR A 236 -14.86 12.69 11.31
N ILE A 237 -15.54 11.94 10.42
CA ILE A 237 -15.83 12.44 9.08
C ILE A 237 -16.78 13.62 9.17
N GLY A 238 -17.85 13.45 9.94
CA GLY A 238 -18.87 14.48 10.11
C GLY A 238 -18.39 15.64 10.97
N ALA A 239 -17.67 15.32 12.05
CA ALA A 239 -17.11 16.30 12.97
C ALA A 239 -16.02 17.16 12.33
N GLU A 240 -15.29 16.67 11.32
CA GLU A 240 -14.25 17.47 10.72
C GLU A 240 -14.54 17.74 9.24
N ARG A 241 -15.76 17.41 8.80
CA ARG A 241 -16.15 17.73 7.44
C ARG A 241 -15.05 17.31 6.46
N THR A 242 -14.62 16.04 6.55
CA THR A 242 -13.53 15.53 5.73
C THR A 242 -14.02 15.26 4.32
N THR A 243 -13.12 15.46 3.35
CA THR A 243 -13.46 15.31 1.96
C THR A 243 -12.96 13.96 1.48
N HIS A 244 -11.94 13.43 2.16
CA HIS A 244 -11.31 12.18 1.76
C HIS A 244 -10.88 11.40 2.99
N VAL A 245 -11.11 10.08 2.97
CA VAL A 245 -10.43 9.19 3.88
C VAL A 245 -9.85 8.03 3.08
N PHE A 246 -8.53 7.84 3.17
CA PHE A 246 -7.87 6.71 2.51
C PHE A 246 -7.97 5.47 3.41
N CYS A 247 -8.41 4.38 2.79
CA CYS A 247 -8.78 3.13 3.43
C CYS A 247 -8.08 1.91 2.82
N ALA A 248 -7.69 0.97 3.66
CA ALA A 248 -7.50 -0.40 3.18
C ALA A 248 -8.88 -0.95 2.79
N PRO A 249 -8.97 -1.93 1.88
CA PRO A 249 -10.27 -2.49 1.50
C PRO A 249 -11.05 -3.04 2.69
N GLY A 250 -10.35 -3.79 3.55
CA GLY A 250 -10.90 -4.23 4.83
C GLY A 250 -11.70 -3.16 5.57
N TRP A 251 -11.11 -1.96 5.67
CA TRP A 251 -11.73 -0.82 6.33
C TRP A 251 -13.02 -0.42 5.61
N VAL A 252 -12.99 -0.38 4.28
CA VAL A 252 -14.20 -0.03 3.57
C VAL A 252 -15.34 -0.96 4.00
N TYR A 253 -15.05 -2.26 4.11
CA TYR A 253 -16.08 -3.24 4.44
C TYR A 253 -16.58 -2.95 5.85
N GLN A 254 -15.66 -2.62 6.75
CA GLN A 254 -16.05 -2.40 8.14
C GLN A 254 -16.93 -1.16 8.26
N LEU A 255 -16.60 -0.08 7.53
CA LEU A 255 -17.45 1.10 7.42
C LEU A 255 -18.83 0.72 6.93
N ALA A 256 -18.90 -0.06 5.84
CA ALA A 256 -20.17 -0.40 5.23
C ALA A 256 -21.06 -1.26 6.14
N GLU A 257 -20.47 -2.25 6.81
CA GLU A 257 -21.20 -3.12 7.73
C GLU A 257 -21.56 -2.45 9.06
N HIS A 258 -21.04 -1.27 9.36
CA HIS A 258 -21.25 -0.69 10.68
C HIS A 258 -22.69 -0.24 10.88
N PRO A 259 -23.29 -0.50 12.07
CA PRO A 259 -24.66 -0.08 12.34
C PRO A 259 -24.82 1.42 12.49
N ALA A 260 -23.73 2.16 12.76
CA ALA A 260 -23.81 3.60 12.97
C ALA A 260 -23.93 4.38 11.66
N LEU A 261 -23.79 3.68 10.51
CA LEU A 261 -23.55 4.30 9.21
C LEU A 261 -24.80 5.03 8.70
N ALA A 262 -25.99 4.47 8.94
CA ALA A 262 -27.25 5.10 8.56
C ALA A 262 -27.31 6.54 9.07
N ASP A 263 -26.92 6.73 10.34
CA ASP A 263 -27.04 8.00 11.04
C ASP A 263 -25.85 8.93 10.80
N ALA A 264 -24.72 8.41 10.33
CA ALA A 264 -23.53 9.22 10.21
C ALA A 264 -23.68 10.24 9.07
N ASP A 265 -22.99 11.38 9.23
CA ASP A 265 -23.04 12.49 8.28
C ASP A 265 -21.81 12.47 7.37
N LEU A 266 -21.99 11.95 6.15
CA LEU A 266 -20.88 11.82 5.20
C LEU A 266 -20.92 12.86 4.07
N SER A 267 -21.67 13.96 4.22
CA SER A 267 -21.95 14.86 3.08
C SER A 267 -20.67 15.45 2.52
N SER A 268 -19.76 15.77 3.46
CA SER A 268 -18.43 16.33 3.24
C SER A 268 -17.55 15.47 2.33
N LEU A 269 -17.77 14.15 2.34
CA LEU A 269 -16.98 13.24 1.54
C LEU A 269 -17.21 13.51 0.07
N THR A 270 -16.12 13.70 -0.66
CA THR A 270 -16.13 13.63 -2.11
C THR A 270 -15.58 12.28 -2.59
N GLN A 271 -14.91 11.50 -1.74
CA GLN A 271 -14.12 10.37 -2.23
C GLN A 271 -13.61 9.49 -1.09
N ILE A 272 -13.68 8.17 -1.27
CA ILE A 272 -13.06 7.24 -0.34
C ILE A 272 -12.05 6.41 -1.12
N PRO A 273 -10.83 6.94 -1.36
CA PRO A 273 -9.81 6.16 -2.07
C PRO A 273 -9.43 4.96 -1.22
N TYR A 274 -9.17 3.82 -1.87
CA TYR A 274 -8.88 2.63 -1.12
C TYR A 274 -7.88 1.80 -1.90
N GLY A 275 -7.14 0.96 -1.17
CA GLY A 275 -6.14 0.10 -1.76
C GLY A 275 -5.16 -0.37 -0.69
N GLY A 276 -4.04 -0.92 -1.16
CA GLY A 276 -3.02 -1.44 -0.27
C GLY A 276 -3.03 -2.96 -0.23
N ALA A 277 -4.12 -3.62 -0.65
CA ALA A 277 -4.29 -5.07 -0.49
C ALA A 277 -5.39 -5.54 -1.44
N PRO A 278 -5.48 -6.84 -1.75
CA PRO A 278 -6.55 -7.34 -2.64
C PRO A 278 -7.96 -6.99 -2.15
N SER A 279 -8.84 -6.54 -3.06
CA SER A 279 -10.20 -6.26 -2.66
C SER A 279 -11.07 -7.50 -2.89
N THR A 280 -12.24 -7.50 -2.27
CA THR A 280 -13.22 -8.57 -2.42
C THR A 280 -14.44 -8.00 -3.15
N PRO A 281 -14.48 -8.19 -4.49
CA PRO A 281 -15.54 -7.63 -5.32
C PRO A 281 -16.93 -7.66 -4.70
N ALA A 282 -17.31 -8.81 -4.16
CA ALA A 282 -18.62 -8.97 -3.57
C ALA A 282 -18.91 -7.92 -2.48
N ARG A 283 -17.89 -7.65 -1.64
CA ARG A 283 -18.07 -6.79 -0.48
C ARG A 283 -17.90 -5.32 -0.83
N ILE A 284 -17.06 -5.02 -1.85
CA ILE A 284 -17.02 -3.70 -2.43
C ILE A 284 -18.39 -3.30 -2.98
N ALA A 285 -19.03 -4.22 -3.73
CA ALA A 285 -20.35 -3.99 -4.27
C ALA A 285 -21.38 -3.73 -3.16
N ASP A 286 -21.25 -4.45 -2.04
CA ASP A 286 -22.12 -4.23 -0.90
C ASP A 286 -21.96 -2.77 -0.44
N ALA A 287 -20.69 -2.35 -0.36
CA ALA A 287 -20.34 -1.04 0.13
C ALA A 287 -20.90 0.02 -0.80
N LEU A 288 -20.80 -0.20 -2.11
CA LEU A 288 -21.34 0.76 -3.07
C LEU A 288 -22.83 1.02 -2.80
N GLU A 289 -23.59 -0.06 -2.55
CA GLU A 289 -25.01 0.07 -2.28
C GLU A 289 -25.28 0.89 -1.01
N LYS A 290 -24.51 0.64 0.07
CA LYS A 290 -24.77 1.23 1.36
C LYS A 290 -24.37 2.70 1.41
N LEU A 291 -23.22 3.06 0.81
CA LEU A 291 -22.82 4.44 0.66
C LEU A 291 -23.83 5.12 -0.27
N GLY A 292 -24.38 4.35 -1.21
CA GLY A 292 -25.48 4.80 -2.06
C GLY A 292 -25.11 6.00 -2.92
N ARG A 293 -23.82 6.14 -3.22
CA ARG A 293 -23.31 7.30 -3.94
C ARG A 293 -21.91 6.93 -4.42
N PRO A 294 -21.45 7.51 -5.55
CA PRO A 294 -20.15 7.15 -6.12
C PRO A 294 -18.99 7.79 -5.36
N LEU A 295 -18.41 7.00 -4.45
CA LEU A 295 -17.33 7.49 -3.60
C LEU A 295 -16.06 6.66 -3.79
N LEU A 296 -16.21 5.34 -3.95
CA LEU A 296 -15.04 4.49 -3.87
C LEU A 296 -14.20 4.65 -5.13
N VAL A 297 -12.88 4.82 -4.92
CA VAL A 297 -11.85 4.97 -5.93
C VAL A 297 -10.71 4.02 -5.58
N HIS A 298 -10.41 3.06 -6.45
CA HIS A 298 -9.48 2.00 -6.14
C HIS A 298 -8.12 2.46 -6.66
N CYS A 299 -7.11 2.41 -5.79
CA CYS A 299 -5.76 2.84 -6.11
C CYS A 299 -4.81 1.64 -6.03
N TYR A 300 -3.88 1.57 -6.99
CA TYR A 300 -2.87 0.53 -7.03
C TYR A 300 -1.49 1.20 -7.04
N GLY A 301 -0.76 0.98 -5.97
CA GLY A 301 0.49 1.67 -5.67
C GLY A 301 1.39 0.80 -4.81
N SER A 302 2.67 1.15 -4.70
CA SER A 302 3.57 0.56 -3.73
C SER A 302 4.55 1.63 -3.31
N GLN A 303 5.35 1.34 -2.28
CA GLN A 303 6.43 2.24 -1.92
C GLN A 303 7.38 2.28 -3.11
N GLU A 304 7.65 1.10 -3.72
CA GLU A 304 8.58 1.00 -4.84
C GLU A 304 8.08 1.73 -6.09
N GLY A 305 6.81 1.58 -6.47
CA GLY A 305 6.37 2.01 -7.79
C GLY A 305 5.66 3.35 -7.83
N GLY A 306 5.33 3.86 -6.65
CA GLY A 306 4.46 5.02 -6.56
C GLY A 306 3.05 4.61 -6.94
N TRP A 307 2.25 5.57 -7.39
CA TRP A 307 0.96 5.26 -7.99
C TRP A 307 1.15 4.68 -9.38
N MET A 308 0.40 3.61 -9.66
CA MET A 308 0.55 2.92 -10.92
C MET A 308 -0.78 2.93 -11.70
N THR A 309 -1.90 2.58 -11.06
CA THR A 309 -3.18 2.69 -11.72
C THR A 309 -4.20 3.19 -10.72
N TRP A 310 -5.38 3.58 -11.22
CA TRP A 310 -6.53 3.85 -10.38
C TRP A 310 -7.82 3.74 -11.19
N LEU A 311 -8.87 3.30 -10.51
CA LEU A 311 -10.18 3.11 -11.09
C LEU A 311 -11.09 4.21 -10.58
N SER A 312 -11.64 5.05 -11.48
CA SER A 312 -12.46 6.16 -11.04
C SER A 312 -13.71 5.65 -10.32
N ALA A 313 -14.42 6.58 -9.68
CA ALA A 313 -15.65 6.25 -8.99
C ALA A 313 -16.71 5.84 -9.99
N GLU A 314 -16.78 6.56 -11.10
CA GLU A 314 -17.77 6.26 -12.13
C GLU A 314 -17.55 4.84 -12.64
N ASP A 315 -16.29 4.43 -12.85
CA ASP A 315 -15.99 3.13 -13.39
C ASP A 315 -16.35 1.99 -12.44
N HIS A 316 -16.68 2.28 -11.18
CA HIS A 316 -17.19 1.25 -10.28
C HIS A 316 -18.64 0.90 -10.58
N VAL A 317 -19.38 1.79 -11.27
CA VAL A 317 -20.85 1.72 -11.32
C VAL A 317 -21.36 1.90 -12.75
N ARG A 318 -20.49 1.79 -13.76
CA ARG A 318 -21.01 1.85 -15.11
C ARG A 318 -21.79 0.57 -15.37
N ALA A 319 -22.87 0.73 -16.14
CA ALA A 319 -23.84 -0.32 -16.33
C ALA A 319 -23.42 -1.24 -17.47
N ASP A 320 -22.50 -0.77 -18.31
CA ASP A 320 -22.12 -1.49 -19.51
C ASP A 320 -20.93 -2.42 -19.25
N ARG A 321 -20.25 -2.25 -18.11
CA ARG A 321 -19.07 -3.05 -17.78
C ARG A 321 -19.11 -3.39 -16.29
N TYR A 322 -18.39 -4.46 -15.94
CA TYR A 322 -18.10 -4.80 -14.56
C TYR A 322 -16.60 -4.65 -14.33
N LEU A 323 -16.19 -3.82 -13.37
CA LEU A 323 -14.77 -3.49 -13.22
C LEU A 323 -14.29 -3.55 -11.76
N LEU A 324 -15.06 -4.21 -10.87
CA LEU A 324 -14.66 -4.37 -9.47
C LEU A 324 -13.47 -5.32 -9.33
N ASN A 325 -13.16 -6.10 -10.36
CA ASN A 325 -11.99 -6.96 -10.40
C ASN A 325 -10.80 -6.21 -11.04
N SER A 326 -10.95 -4.89 -11.22
CA SER A 326 -9.91 -4.08 -11.84
C SER A 326 -9.33 -3.09 -10.84
N VAL A 327 -8.06 -2.74 -11.08
CA VAL A 327 -7.39 -1.66 -10.36
C VAL A 327 -7.32 -0.42 -11.24
N GLY A 328 -8.05 -0.43 -12.36
CA GLY A 328 -8.14 0.74 -13.22
C GLY A 328 -6.97 0.85 -14.18
N LYS A 329 -6.72 2.07 -14.64
CA LYS A 329 -5.82 2.36 -15.74
C LYS A 329 -4.61 3.13 -15.24
N ALA A 330 -3.57 3.14 -16.08
CA ALA A 330 -2.31 3.79 -15.77
C ALA A 330 -2.53 5.27 -15.53
N LEU A 331 -1.66 5.82 -14.69
CA LEU A 331 -1.66 7.25 -14.48
C LEU A 331 -0.92 7.91 -15.62
N PRO A 332 -1.17 9.22 -15.78
CA PRO A 332 -0.38 10.05 -16.70
C PRO A 332 1.11 9.82 -16.46
N GLY A 333 1.83 9.41 -17.52
CA GLY A 333 3.27 9.22 -17.45
C GLY A 333 3.67 7.82 -16.98
N THR A 334 2.70 6.96 -16.69
CA THR A 334 3.00 5.62 -16.23
C THR A 334 2.86 4.65 -17.39
N GLU A 335 3.84 3.76 -17.57
CA GLU A 335 3.77 2.76 -18.62
C GLU A 335 3.72 1.39 -17.97
N ILE A 336 2.92 0.49 -18.55
CA ILE A 336 2.73 -0.82 -17.95
C ILE A 336 2.95 -1.88 -19.02
N ALA A 337 3.87 -2.79 -18.76
CA ALA A 337 4.02 -3.98 -19.58
C ALA A 337 3.75 -5.22 -18.72
N ILE A 338 3.31 -6.30 -19.37
CA ILE A 338 3.07 -7.59 -18.72
C ILE A 338 4.11 -8.58 -19.25
N ARG A 339 4.86 -9.28 -18.38
CA ARG A 339 6.04 -9.96 -18.88
C ARG A 339 6.12 -11.41 -18.40
N ASP A 340 6.68 -12.27 -19.27
CA ASP A 340 6.88 -13.69 -19.04
C ASP A 340 7.95 -13.88 -17.97
N GLN A 341 8.08 -15.07 -17.40
CA GLN A 341 9.08 -15.30 -16.37
C GLN A 341 10.50 -14.95 -16.88
N ASP A 342 10.73 -14.78 -18.19
CA ASP A 342 12.04 -14.36 -18.66
C ASP A 342 12.12 -12.84 -18.84
N GLY A 343 11.05 -12.17 -19.29
CA GLY A 343 11.01 -10.72 -19.23
C GLY A 343 10.83 -10.01 -20.57
N ALA A 344 10.31 -10.72 -21.57
CA ALA A 344 9.84 -10.02 -22.77
C ALA A 344 8.30 -9.86 -22.68
N ASP A 345 7.82 -8.79 -23.32
CA ASP A 345 6.42 -8.39 -23.27
C ASP A 345 5.49 -9.51 -23.78
N LEU A 346 4.22 -9.47 -23.35
CA LEU A 346 3.15 -10.37 -23.77
C LEU A 346 2.02 -9.56 -24.42
N PRO A 347 1.22 -10.11 -25.36
CA PRO A 347 0.14 -9.32 -25.95
C PRO A 347 -0.93 -9.00 -24.89
N VAL A 348 -1.68 -7.89 -25.10
CA VAL A 348 -2.86 -7.60 -24.31
C VAL A 348 -3.70 -8.87 -24.17
N GLY A 349 -4.29 -9.08 -22.98
CA GLY A 349 -5.07 -10.27 -22.73
C GLY A 349 -4.30 -11.30 -21.92
N THR A 350 -2.98 -11.39 -22.11
CA THR A 350 -2.19 -12.43 -21.48
C THR A 350 -1.76 -12.06 -20.06
N VAL A 351 -1.65 -13.08 -19.20
CA VAL A 351 -1.34 -12.93 -17.79
C VAL A 351 0.18 -13.00 -17.57
N GLY A 352 0.73 -12.03 -16.86
CA GLY A 352 2.16 -12.01 -16.57
C GLY A 352 2.47 -11.11 -15.38
N GLU A 353 3.76 -10.79 -15.21
CA GLU A 353 4.22 -9.91 -14.14
C GLU A 353 4.04 -8.49 -14.60
N VAL A 354 3.38 -7.70 -13.76
CA VAL A 354 3.10 -6.30 -14.00
C VAL A 354 4.38 -5.52 -13.77
N CYS A 355 4.84 -4.84 -14.82
CA CYS A 355 6.13 -4.16 -14.81
C CYS A 355 5.84 -2.70 -15.13
N VAL A 356 6.47 -1.78 -14.42
CA VAL A 356 6.09 -0.38 -14.54
C VAL A 356 7.30 0.51 -14.73
N ARG A 357 7.12 1.62 -15.48
CA ARG A 357 8.10 2.71 -15.54
C ARG A 357 7.41 4.08 -15.52
N SER A 358 7.75 4.89 -14.49
CA SER A 358 7.27 6.26 -14.35
C SER A 358 8.35 7.05 -13.62
N THR A 359 8.19 8.37 -13.56
CA THR A 359 9.15 9.15 -12.78
C THR A 359 8.89 8.90 -11.28
N MET A 360 7.83 8.15 -10.90
CA MET A 360 7.52 7.91 -9.50
C MET A 360 8.29 6.74 -8.90
N LEU A 361 9.14 6.03 -9.65
CA LEU A 361 9.81 4.87 -9.08
C LEU A 361 10.68 5.33 -7.92
N MET A 362 10.88 4.42 -6.97
CA MET A 362 11.80 4.62 -5.87
C MET A 362 13.20 4.88 -6.41
N ARG A 363 14.02 5.55 -5.61
CA ARG A 363 15.44 5.72 -5.88
C ARG A 363 16.12 4.37 -5.62
N GLY A 364 15.58 3.50 -4.77
CA GLY A 364 16.18 2.19 -4.58
C GLY A 364 15.99 1.65 -3.16
N TYR A 365 16.31 0.38 -2.98
CA TYR A 365 16.30 -0.19 -1.64
C TYR A 365 17.54 0.29 -0.89
N TRP A 366 17.39 0.53 0.41
CA TRP A 366 18.43 1.08 1.26
C TRP A 366 19.50 0.02 1.51
N ARG A 367 20.73 0.33 1.05
CA ARG A 367 21.92 -0.45 1.34
C ARG A 367 21.77 -1.86 0.77
N LEU A 368 21.03 -2.02 -0.33
CA LEU A 368 20.79 -3.30 -0.97
C LEU A 368 20.87 -3.07 -2.47
N PRO A 369 22.06 -2.84 -3.05
CA PRO A 369 22.12 -2.25 -4.38
C PRO A 369 21.94 -3.35 -5.41
N GLU A 370 22.12 -4.61 -4.96
CA GLU A 370 22.04 -5.76 -5.85
C GLU A 370 20.60 -6.19 -6.06
N LEU A 371 19.85 -6.38 -4.97
CA LEU A 371 18.41 -6.59 -5.05
C LEU A 371 17.70 -5.41 -5.72
N THR A 372 18.22 -4.20 -5.60
CA THR A 372 17.61 -3.09 -6.31
C THR A 372 17.68 -3.35 -7.81
N ALA A 373 18.80 -3.92 -8.29
CA ALA A 373 18.98 -4.15 -9.71
C ALA A 373 18.18 -5.37 -10.17
N LYS A 374 18.05 -6.41 -9.30
CA LYS A 374 17.16 -7.55 -9.58
C LYS A 374 15.71 -7.05 -9.71
N THR A 375 15.40 -5.89 -9.09
CA THR A 375 14.02 -5.44 -8.91
C THR A 375 13.63 -4.38 -9.94
N VAL A 376 14.46 -3.33 -10.09
CA VAL A 376 14.28 -2.36 -11.16
C VAL A 376 15.31 -2.69 -12.23
N ARG A 377 14.84 -3.15 -13.40
CA ARG A 377 15.67 -3.64 -14.48
C ARG A 377 15.51 -2.71 -15.68
N ASP A 378 16.56 -1.95 -15.93
CA ASP A 378 16.61 -1.05 -17.07
C ASP A 378 15.45 -0.04 -17.03
N GLY A 379 15.15 0.46 -15.83
CA GLY A 379 14.20 1.57 -15.68
C GLY A 379 12.79 1.08 -15.40
N TRP A 380 12.61 -0.25 -15.31
CA TRP A 380 11.32 -0.90 -15.27
C TRP A 380 11.19 -1.63 -13.95
N LEU A 381 10.24 -1.22 -13.10
CA LEU A 381 10.01 -1.92 -11.85
C LEU A 381 9.30 -3.24 -12.16
N HIS A 382 9.93 -4.36 -11.77
CA HIS A 382 9.27 -5.67 -11.76
C HIS A 382 8.53 -5.80 -10.42
N THR A 383 7.21 -5.59 -10.44
CA THR A 383 6.43 -5.49 -9.21
C THR A 383 6.25 -6.82 -8.51
N GLY A 384 6.50 -7.94 -9.18
CA GLY A 384 6.17 -9.22 -8.59
C GLY A 384 4.67 -9.51 -8.46
N ASP A 385 3.77 -8.60 -8.83
CA ASP A 385 2.35 -8.89 -8.92
C ASP A 385 2.01 -9.45 -10.31
N LEU A 386 1.00 -10.34 -10.38
CA LEU A 386 0.56 -10.98 -11.61
C LEU A 386 -0.80 -10.43 -12.05
N GLY A 387 -0.87 -10.06 -13.33
CA GLY A 387 -2.11 -9.53 -13.89
C GLY A 387 -2.14 -9.48 -15.42
N ARG A 388 -3.26 -8.98 -15.96
CA ARG A 388 -3.47 -8.88 -17.38
C ARG A 388 -4.03 -7.50 -17.68
N LEU A 389 -3.55 -6.95 -18.79
CA LEU A 389 -4.18 -5.78 -19.40
C LEU A 389 -5.29 -6.23 -20.36
N ASP A 390 -6.17 -5.27 -20.67
CA ASP A 390 -7.16 -5.44 -21.72
C ASP A 390 -6.95 -4.32 -22.75
N THR A 391 -7.70 -4.38 -23.87
CA THR A 391 -7.53 -3.45 -24.99
C THR A 391 -7.99 -2.02 -24.64
N GLU A 392 -8.95 -1.89 -23.71
CA GLU A 392 -9.46 -0.59 -23.27
C GLU A 392 -8.46 0.06 -22.30
N GLY A 393 -7.40 -0.67 -21.90
CA GLY A 393 -6.31 -0.16 -21.05
C GLY A 393 -6.39 -0.52 -19.56
N TYR A 394 -7.44 -1.25 -19.13
CA TYR A 394 -7.67 -1.60 -17.74
C TYR A 394 -6.75 -2.73 -17.27
N LEU A 395 -6.31 -2.66 -16.01
CA LEU A 395 -5.46 -3.68 -15.40
C LEU A 395 -6.30 -4.53 -14.45
N TYR A 396 -5.99 -5.84 -14.42
CA TYR A 396 -6.70 -6.81 -13.60
C TYR A 396 -5.67 -7.69 -12.91
N LEU A 397 -5.58 -7.65 -11.58
CA LEU A 397 -4.60 -8.48 -10.89
C LEU A 397 -5.22 -9.85 -10.61
N VAL A 398 -4.51 -10.94 -10.90
CA VAL A 398 -5.11 -12.25 -10.67
C VAL A 398 -5.38 -12.39 -9.19
N ASP A 399 -6.48 -13.07 -8.85
CA ASP A 399 -6.77 -13.43 -7.46
C ASP A 399 -5.88 -14.61 -7.08
N ARG A 400 -4.92 -14.38 -6.17
CA ARG A 400 -3.91 -15.39 -5.93
C ARG A 400 -4.52 -16.63 -5.28
N ALA A 401 -5.64 -16.48 -4.56
CA ALA A 401 -6.27 -17.63 -3.91
C ALA A 401 -7.05 -18.52 -4.90
N LYS A 402 -7.71 -17.90 -5.91
CA LYS A 402 -8.51 -18.64 -6.85
C LYS A 402 -7.66 -19.12 -8.05
N ASP A 403 -6.72 -18.29 -8.54
CA ASP A 403 -6.27 -18.38 -9.93
C ASP A 403 -4.82 -18.79 -10.14
N VAL A 404 -3.95 -18.66 -9.11
CA VAL A 404 -2.56 -19.07 -9.21
C VAL A 404 -2.26 -20.06 -8.10
N ILE A 405 -1.28 -20.90 -8.38
CA ILE A 405 -0.68 -21.80 -7.42
C ILE A 405 0.81 -21.72 -7.67
N ILE A 406 1.59 -21.67 -6.59
CA ILE A 406 3.01 -21.55 -6.74
C ILE A 406 3.63 -22.85 -6.27
N VAL A 407 4.24 -23.55 -7.22
CA VAL A 407 4.88 -24.82 -6.94
C VAL A 407 6.31 -24.75 -7.48
N GLU A 408 7.26 -25.09 -6.59
CA GLU A 408 8.69 -24.96 -6.80
C GLU A 408 9.04 -23.64 -7.48
N ALA A 409 8.50 -22.52 -7.01
CA ALA A 409 8.85 -21.23 -7.58
C ALA A 409 8.40 -21.05 -9.03
N TYR A 410 7.44 -21.86 -9.49
CA TYR A 410 6.87 -21.76 -10.83
C TYR A 410 5.39 -21.40 -10.70
N ASN A 411 4.88 -20.54 -11.58
CA ASN A 411 3.48 -20.18 -11.51
C ASN A 411 2.62 -21.20 -12.30
N VAL A 412 1.67 -21.80 -11.60
CA VAL A 412 0.66 -22.62 -12.23
C VAL A 412 -0.67 -21.87 -12.23
N TYR A 413 -1.36 -21.79 -13.40
CA TYR A 413 -2.61 -21.05 -13.50
C TYR A 413 -3.76 -22.07 -13.49
N SER A 414 -4.75 -21.78 -12.67
CA SER A 414 -5.82 -22.74 -12.43
C SER A 414 -6.67 -22.92 -13.69
N GLN A 415 -6.96 -21.84 -14.43
CA GLN A 415 -7.80 -21.92 -15.63
C GLN A 415 -7.09 -22.78 -16.66
N GLU A 416 -5.77 -22.64 -16.80
CA GLU A 416 -5.04 -23.42 -17.78
C GLU A 416 -5.23 -24.90 -17.49
N VAL A 417 -5.06 -25.31 -16.22
CA VAL A 417 -5.24 -26.71 -15.83
C VAL A 417 -6.70 -27.14 -16.01
N GLU A 418 -7.67 -26.30 -15.63
CA GLU A 418 -9.08 -26.61 -15.80
C GLU A 418 -9.37 -26.89 -17.27
N HIS A 419 -8.86 -26.04 -18.16
CA HIS A 419 -9.24 -26.12 -19.56
C HIS A 419 -8.74 -27.45 -20.12
N VAL A 420 -7.52 -27.83 -19.71
CA VAL A 420 -6.92 -29.08 -20.15
C VAL A 420 -7.71 -30.29 -19.68
N LEU A 421 -8.07 -30.34 -18.38
CA LEU A 421 -8.86 -31.43 -17.80
C LEU A 421 -10.22 -31.54 -18.48
N THR A 422 -10.88 -30.40 -18.68
CA THR A 422 -12.23 -30.39 -19.20
C THR A 422 -12.26 -30.91 -20.63
N GLY A 423 -11.16 -30.71 -21.36
CA GLY A 423 -11.06 -31.18 -22.73
C GLY A 423 -10.97 -32.70 -22.87
N HIS A 424 -10.73 -33.40 -21.76
CA HIS A 424 -10.82 -34.85 -21.79
C HIS A 424 -12.29 -35.18 -21.95
N PRO A 425 -12.61 -36.17 -22.81
CA PRO A 425 -14.00 -36.52 -23.12
C PRO A 425 -14.77 -37.09 -21.94
N ASP A 426 -14.06 -37.42 -20.86
CA ASP A 426 -14.70 -38.08 -19.73
C ASP A 426 -15.03 -37.04 -18.67
N VAL A 427 -14.64 -35.78 -18.92
CA VAL A 427 -14.73 -34.72 -17.92
C VAL A 427 -15.56 -33.59 -18.51
N ARG A 428 -16.58 -33.13 -17.80
CA ARG A 428 -17.39 -32.03 -18.29
C ARG A 428 -17.12 -30.74 -17.51
N TYR A 429 -16.42 -30.79 -16.38
CA TYR A 429 -16.17 -29.58 -15.61
C TYR A 429 -15.05 -29.79 -14.63
N ALA A 430 -14.24 -28.74 -14.43
CA ALA A 430 -13.17 -28.85 -13.47
C ALA A 430 -13.01 -27.56 -12.66
N ALA A 431 -12.58 -27.75 -11.42
CA ALA A 431 -12.18 -26.64 -10.57
C ALA A 431 -10.83 -27.00 -9.97
N VAL A 432 -9.88 -26.08 -10.12
CA VAL A 432 -8.53 -26.28 -9.68
C VAL A 432 -8.19 -25.15 -8.71
N VAL A 433 -7.57 -25.53 -7.58
CA VAL A 433 -7.17 -24.53 -6.59
C VAL A 433 -5.91 -24.99 -5.89
N GLY A 434 -5.09 -24.01 -5.50
CA GLY A 434 -3.94 -24.28 -4.67
C GLY A 434 -4.36 -24.42 -3.21
N VAL A 435 -3.88 -25.49 -2.55
CA VAL A 435 -4.18 -25.69 -1.14
C VAL A 435 -2.86 -25.84 -0.37
N PRO A 436 -2.74 -25.18 0.80
CA PRO A 436 -1.60 -25.37 1.70
C PRO A 436 -1.17 -26.82 1.88
N ASP A 437 0.12 -27.08 1.75
CA ASP A 437 0.68 -28.42 1.79
C ASP A 437 1.49 -28.56 3.09
N HIS A 438 2.79 -28.86 2.97
CA HIS A 438 3.71 -28.95 4.10
C HIS A 438 4.23 -27.53 4.37
N ASP A 439 4.53 -27.23 5.64
CA ASP A 439 4.87 -25.91 6.18
C ASP A 439 4.32 -24.76 5.33
N THR A 440 5.09 -24.27 4.33
CA THR A 440 4.73 -23.03 3.64
C THR A 440 4.57 -23.22 2.13
N THR A 441 4.35 -24.46 1.65
CA THR A 441 4.17 -24.70 0.22
C THR A 441 2.69 -24.81 -0.15
N GLU A 442 2.44 -24.76 -1.45
CA GLU A 442 1.13 -24.85 -2.07
C GLU A 442 1.11 -26.09 -2.97
N ALA A 443 -0.06 -26.71 -3.16
CA ALA A 443 -0.14 -27.85 -4.07
C ALA A 443 -1.35 -27.69 -4.97
N VAL A 444 -1.30 -28.34 -6.12
CA VAL A 444 -2.41 -28.23 -7.06
C VAL A 444 -3.42 -29.31 -6.71
N TYR A 445 -4.62 -28.91 -6.25
CA TYR A 445 -5.75 -29.82 -6.09
C TYR A 445 -6.77 -29.56 -7.20
N ALA A 446 -7.50 -30.61 -7.61
CA ALA A 446 -8.43 -30.52 -8.71
C ALA A 446 -9.68 -31.35 -8.42
N ALA A 447 -10.84 -30.82 -8.78
CA ALA A 447 -12.06 -31.60 -8.71
C ALA A 447 -12.66 -31.62 -10.09
N VAL A 448 -13.01 -32.81 -10.56
CA VAL A 448 -13.55 -32.94 -11.91
C VAL A 448 -14.93 -33.59 -11.86
N VAL A 449 -15.81 -33.11 -12.73
CA VAL A 449 -17.16 -33.61 -12.79
C VAL A 449 -17.26 -34.48 -14.02
N PRO A 450 -17.70 -35.74 -13.89
CA PRO A 450 -17.74 -36.64 -15.03
C PRO A 450 -18.78 -36.21 -16.05
N ALA A 451 -18.53 -36.60 -17.30
CA ALA A 451 -19.49 -36.28 -18.36
C ALA A 451 -20.61 -37.34 -18.42
N GLU A 452 -21.51 -37.20 -19.38
CA GLU A 452 -22.67 -38.12 -19.49
C GLU A 452 -22.22 -39.54 -19.84
N GLY A 453 -22.64 -40.53 -19.05
CA GLY A 453 -22.37 -41.93 -19.40
C GLY A 453 -21.01 -42.41 -18.93
N VAL A 454 -20.17 -41.47 -18.49
CA VAL A 454 -18.79 -41.87 -18.12
C VAL A 454 -18.88 -42.81 -16.93
N GLY A 455 -18.21 -43.96 -17.03
CA GLY A 455 -18.18 -44.90 -15.91
C GLY A 455 -17.12 -44.48 -14.92
N GLU A 456 -16.06 -45.25 -14.78
CA GLU A 456 -15.09 -44.86 -13.78
C GLU A 456 -14.08 -43.96 -14.49
N ILE A 457 -13.53 -42.94 -13.82
CA ILE A 457 -12.55 -42.05 -14.42
C ILE A 457 -11.15 -42.53 -14.06
N ASP A 458 -10.24 -42.52 -15.04
CA ASP A 458 -8.85 -42.86 -14.71
C ASP A 458 -8.12 -41.59 -14.29
N VAL A 459 -7.99 -41.42 -12.99
CA VAL A 459 -7.34 -40.24 -12.44
C VAL A 459 -5.91 -40.10 -12.95
N ASP A 460 -5.19 -41.22 -13.15
CA ASP A 460 -3.79 -41.17 -13.55
C ASP A 460 -3.65 -40.68 -14.99
N GLU A 461 -4.61 -41.06 -15.84
CA GLU A 461 -4.67 -40.57 -17.21
C GLU A 461 -4.81 -39.03 -17.20
N LEU A 462 -5.69 -38.49 -16.36
CA LEU A 462 -5.89 -37.04 -16.31
C LEU A 462 -4.62 -36.36 -15.81
N ARG A 463 -3.86 -37.04 -14.95
CA ARG A 463 -2.61 -36.48 -14.47
C ARG A 463 -1.61 -36.40 -15.62
N ALA A 464 -1.53 -37.49 -16.38
CA ALA A 464 -0.68 -37.56 -17.56
C ALA A 464 -1.02 -36.47 -18.57
N LEU A 465 -2.33 -36.22 -18.72
CA LEU A 465 -2.82 -35.26 -19.70
C LEU A 465 -2.21 -33.89 -19.39
N VAL A 466 -2.26 -33.52 -18.10
CA VAL A 466 -1.74 -32.23 -17.72
C VAL A 466 -0.21 -32.23 -17.86
N ARG A 467 0.44 -33.28 -17.36
CA ARG A 467 1.89 -33.43 -17.44
C ARG A 467 2.39 -33.21 -18.88
N THR A 468 1.74 -33.84 -19.86
CA THR A 468 2.18 -33.82 -21.25
C THR A 468 1.40 -32.80 -22.07
N THR A 469 0.80 -31.81 -21.41
CA THR A 469 0.23 -30.68 -22.10
C THR A 469 0.90 -29.39 -21.61
N LEU A 470 0.92 -29.20 -20.28
CA LEU A 470 1.39 -27.98 -19.66
C LEU A 470 2.80 -28.13 -19.12
N GLY A 471 3.11 -29.33 -18.63
CA GLY A 471 4.40 -29.57 -17.99
C GLY A 471 4.24 -30.24 -16.63
N PRO A 472 5.30 -30.86 -16.07
CA PRO A 472 5.19 -31.62 -14.83
C PRO A 472 4.61 -30.92 -13.60
N VAL A 473 4.99 -29.65 -13.35
CA VAL A 473 4.56 -28.95 -12.13
C VAL A 473 3.06 -28.66 -12.14
N HIS A 474 2.43 -28.51 -13.31
CA HIS A 474 1.02 -28.18 -13.41
C HIS A 474 0.15 -29.39 -13.08
N GLU A 475 0.78 -30.56 -13.03
CA GLU A 475 0.08 -31.79 -12.71
C GLU A 475 -0.55 -31.65 -11.33
N PRO A 476 -1.88 -31.88 -11.18
CA PRO A 476 -2.49 -32.05 -9.87
C PRO A 476 -1.86 -33.13 -8.97
N LYS A 477 -1.37 -32.72 -7.78
CA LYS A 477 -0.95 -33.61 -6.70
C LYS A 477 -2.17 -34.43 -6.32
N HIS A 478 -3.33 -33.79 -6.08
CA HIS A 478 -4.54 -34.51 -5.69
C HIS A 478 -5.67 -34.16 -6.63
N LEU A 479 -6.54 -35.15 -6.87
CA LEU A 479 -7.54 -35.05 -7.91
C LEU A 479 -8.76 -35.90 -7.56
N ASP A 480 -9.84 -35.21 -7.16
CA ASP A 480 -11.10 -35.83 -6.77
C ASP A 480 -12.14 -35.72 -7.87
N VAL A 481 -12.79 -36.85 -8.15
CA VAL A 481 -14.00 -36.91 -8.95
C VAL A 481 -15.20 -36.62 -8.05
N VAL A 482 -15.99 -35.62 -8.42
CA VAL A 482 -17.14 -35.22 -7.63
C VAL A 482 -18.35 -35.19 -8.54
N ASP A 483 -19.55 -35.18 -7.94
CA ASP A 483 -20.78 -35.15 -8.70
C ASP A 483 -21.12 -33.72 -9.06
N THR A 484 -20.57 -32.77 -8.31
CA THR A 484 -20.85 -31.37 -8.56
C THR A 484 -19.81 -30.46 -7.92
N ILE A 485 -19.72 -29.23 -8.42
CA ILE A 485 -18.93 -28.20 -7.78
C ILE A 485 -19.87 -27.21 -7.10
N PRO A 486 -19.82 -27.03 -5.78
CA PRO A 486 -20.52 -25.92 -5.14
C PRO A 486 -20.17 -24.59 -5.80
N THR A 487 -21.16 -23.69 -5.92
CA THR A 487 -20.96 -22.34 -6.43
C THR A 487 -21.45 -21.26 -5.48
N THR A 488 -20.98 -20.03 -5.67
CA THR A 488 -21.33 -18.90 -4.83
C THR A 488 -22.66 -18.31 -5.28
N PRO A 489 -23.21 -17.35 -4.51
CA PRO A 489 -24.43 -16.67 -4.90
C PRO A 489 -24.28 -15.82 -6.18
N ARG A 490 -23.05 -15.51 -6.57
CA ARG A 490 -22.83 -14.81 -7.83
C ARG A 490 -22.47 -15.79 -8.94
N GLY A 491 -22.60 -17.09 -8.67
CA GLY A 491 -22.57 -18.09 -9.72
C GLY A 491 -21.15 -18.49 -10.13
N LYS A 492 -20.15 -18.18 -9.29
CA LYS A 492 -18.77 -18.58 -9.55
C LYS A 492 -18.48 -19.82 -8.71
N PRO A 493 -17.53 -20.69 -9.11
CA PRO A 493 -17.26 -21.89 -8.32
C PRO A 493 -16.68 -21.51 -6.96
N ASP A 494 -17.16 -22.19 -5.92
CA ASP A 494 -16.78 -21.88 -4.55
C ASP A 494 -15.48 -22.59 -4.23
N LYS A 495 -14.39 -21.88 -4.50
CA LYS A 495 -13.09 -22.49 -4.46
C LYS A 495 -12.54 -22.39 -3.04
N SER A 496 -13.08 -21.48 -2.23
CA SER A 496 -12.63 -21.47 -0.85
C SER A 496 -13.32 -22.58 -0.06
N ALA A 497 -14.54 -22.97 -0.45
CA ALA A 497 -15.16 -24.12 0.17
C ALA A 497 -14.35 -25.38 -0.19
N LEU A 498 -14.01 -25.57 -1.46
CA LEU A 498 -13.18 -26.70 -1.84
C LEU A 498 -11.88 -26.65 -1.05
N ARG A 499 -11.19 -25.50 -1.03
CA ARG A 499 -9.90 -25.42 -0.36
C ARG A 499 -10.07 -25.78 1.11
N THR A 500 -11.03 -25.14 1.81
CA THR A 500 -11.22 -25.40 3.22
C THR A 500 -11.40 -26.89 3.47
N ARG A 501 -12.22 -27.53 2.63
CA ARG A 501 -12.62 -28.92 2.78
C ARG A 501 -11.42 -29.83 2.60
N TRP A 502 -10.64 -29.63 1.52
CA TRP A 502 -9.44 -30.42 1.24
C TRP A 502 -8.38 -30.24 2.32
N ARG A 503 -8.29 -29.03 2.88
CA ARG A 503 -7.24 -28.69 3.84
C ARG A 503 -7.50 -29.45 5.13
N ALA A 504 -8.76 -29.47 5.52
CA ALA A 504 -9.20 -30.04 6.78
C ALA A 504 -9.14 -31.56 6.72
N ALA A 505 -9.27 -32.13 5.52
CA ALA A 505 -9.28 -33.59 5.42
C ALA A 505 -7.86 -34.17 5.38
N GLN A 506 -6.79 -33.34 5.23
CA GLN A 506 -5.39 -33.82 5.18
C GLN A 506 -5.00 -34.54 6.49
N ARG A 507 -5.48 -35.77 6.67
CA ARG A 507 -5.13 -36.62 7.80
C ARG A 507 -3.81 -37.33 7.44
S SO4 B . 19.49 -9.86 26.12
O1 SO4 B . 20.69 -9.68 26.92
O2 SO4 B . 19.72 -9.34 24.80
O3 SO4 B . 18.40 -9.16 26.75
O4 SO4 B . 19.17 -11.27 26.04
S SO4 C . 1.36 16.78 19.35
O1 SO4 C . 1.52 16.85 20.77
O2 SO4 C . 2.21 17.75 18.73
O3 SO4 C . 1.73 15.45 18.90
O4 SO4 C . 0.00 17.04 19.01
S SO4 D . 0.23 -16.17 -2.25
O1 SO4 D . 1.64 -16.43 -2.44
O2 SO4 D . 0.01 -14.77 -1.95
O3 SO4 D . -0.46 -16.51 -3.47
O4 SO4 D . -0.27 -17.00 -1.18
S SO4 E . -13.48 -9.55 7.89
O1 SO4 E . -12.51 -9.53 8.95
O2 SO4 E . -13.34 -8.36 7.09
O3 SO4 E . -13.25 -10.71 7.07
O4 SO4 E . -14.81 -9.59 8.47
S SO4 F . 12.40 1.87 -24.56
O1 SO4 F . 13.85 1.78 -24.44
O2 SO4 F . 12.01 3.26 -24.70
O3 SO4 F . 11.96 1.15 -25.74
O4 SO4 F . 11.79 1.27 -23.40
S SO4 G . -5.36 -40.77 -6.79
O1 SO4 G . -4.33 -41.15 -7.74
O2 SO4 G . -5.46 -39.32 -6.69
O3 SO4 G . -6.64 -41.30 -7.21
O4 SO4 G . -5.03 -41.30 -5.50
S SO4 H . -24.22 11.22 2.68
O1 SO4 H . -23.30 10.55 1.80
O2 SO4 H . -23.91 12.62 2.64
O3 SO4 H . -25.57 11.04 2.21
O4 SO4 H . -24.09 10.72 4.04
S SO4 I . 16.08 -8.99 -17.64
O1 SO4 I . 16.58 -9.70 -18.80
O2 SO4 I . 16.01 -7.58 -17.94
O3 SO4 I . 16.97 -9.19 -16.53
O4 SO4 I . 14.76 -9.47 -17.30
#